data_8SYM
#
_entry.id   8SYM
#
_cell.length_a   1.00
_cell.length_b   1.00
_cell.length_c   1.00
_cell.angle_alpha   90.00
_cell.angle_beta   90.00
_cell.angle_gamma   90.00
#
_symmetry.space_group_name_H-M   'P 1'
#
loop_
_entity.id
_entity.type
_entity.pdbx_description
1 polymer 'VPS35 endosomal protein-sorting factor-like'
2 polymer 'Vacuolar protein sorting-associated protein 29'
#
loop_
_entity_poly.entity_id
_entity_poly.type
_entity_poly.pdbx_seq_one_letter_code
_entity_poly.pdbx_strand_id
1 'polypeptide(L)'
;MAVFPWHSRNRNYKAEFASCRLEAVPLEFGDYHPLKPITVTESKTKKVNRKGSTSSTSSSSSSSVVDPLSSVLDGTDPLS
MFAATADPAALAAAMDSSRRKRDRDDNSVVGSDFEPWTNKRGEILARYTTTEKLSINLFMGSEKGKAGTATLAMSEKVRT
RLEELDDFEEGSQKELLNLTQQDYVNRIEELNQSLKDAWASDQKVKALKIVIQCSKLLSDTSVIQFYPSKFVLITDILDT
FGKLVYERIFSMCVDSRSVLPDHFSPENANDTAKETCLNWFFKIASIRELIPRFYVEASILKCNKFLSKTGISECLPRLT
CMIRGIGDPLVSVYARAYLCRVGMEVAPHLKETLNKNFFDFLLTFKQIHGDTVQNQLVVQGVELPSYLPLYPPAMDWIFQ
CISYHAPEALLTEMMERCKKLGNNALLLNSVMSAFRAEFIATRSMDFIGMIKECDESGFPKHLLFRSLGLNLALADPPES
DRLQILNEAWKVITKLKNPQDYINCAEVWVEYTCKHFTKREVNTVLADVIKHMTPDRAFEDSYPQLQLIIKKVIAHFHDF
SVLFSVEKFLPFLDMFQKESVRVEVCKCIMDAFIKHQQEPTKDPVILNALLHVCKTMHDSVNALTLEDEKRMLSYLINGF
IKMVSFGRDFEQQLSFYVESRSMFCNLEPVLVQLIHSVNRLAMETRKVMKGNHSRKTAAFVRACVAYCFITIPSLAGIFT
RLNLYLHSGQVALANQCLSQADAFFKAAISLVPEVPKMINIDGKMRPSESFLLEFLCNFFSTLLIVPDHPEHGVLFLVRE
LLNVIQDYTWEDNSDEKIRIYTCVLHLLSAMSQETYLYHIDKVDSNDSLYGGDSKFLAENNKLCETVMAQILEHLKTLAK
DEALKRQSSLGLSFFNSILAHGDLRNNKLNQLSVNLWHLAQRHGCADTRTMVKTLEYIKKQSKQPDMTHLTELALRLPLQ
TRT
;
A
2 'polypeptide(L)'
;MAGHRLVLVLGDLHIPHRCNSLPAKFKKLLVPGKIQHILCTGNLCTKESYDYLKTLAGDVHIVRGDFDENLNYPEQKVVT
VGQFKIGLIHGHQVIPWGDMASLALLQRQFDVDILISGHTHKFEAFEHENKFYINPGSATGAYNALETNIIPSFVLMDIQ
ASTVVTYVYQLIGDDVKVERIEYKKPENLYFQGGGSGGSHHHHHH
;
B
#
# COMPACT_ATOMS: atom_id res chain seq x y z
N VAL A 3 -22.94 16.02 -24.37
CA VAL A 3 -22.19 15.26 -23.39
C VAL A 3 -21.69 16.18 -22.28
N PHE A 4 -21.83 15.73 -21.04
CA PHE A 4 -21.37 16.50 -19.89
C PHE A 4 -19.84 16.46 -19.82
N PRO A 5 -19.17 17.58 -19.84
CA PRO A 5 -17.71 17.59 -19.69
C PRO A 5 -17.31 17.48 -18.22
N TRP A 6 -16.01 17.45 -17.99
CA TRP A 6 -15.44 17.39 -16.65
C TRP A 6 -14.48 18.55 -16.46
N HIS A 7 -14.40 19.04 -15.22
CA HIS A 7 -13.42 20.03 -14.83
C HIS A 7 -12.86 19.64 -13.48
N SER A 8 -11.64 20.08 -13.22
CA SER A 8 -10.93 19.70 -12.01
C SER A 8 -11.01 20.83 -10.99
N ARG A 9 -11.49 20.51 -9.80
CA ARG A 9 -11.46 21.47 -8.71
C ARG A 9 -10.03 21.71 -8.29
N ASN A 10 -9.61 22.97 -8.28
CA ASN A 10 -8.24 23.30 -7.88
C ASN A 10 -8.00 22.85 -6.44
N ARG A 11 -6.87 22.19 -6.22
CA ARG A 11 -6.50 21.70 -4.90
C ARG A 11 -5.12 22.22 -4.54
N ASN A 12 -5.03 22.88 -3.40
CA ASN A 12 -3.74 23.32 -2.84
C ASN A 12 -3.46 22.39 -1.66
N TYR A 13 -2.73 21.31 -1.94
CA TYR A 13 -2.51 20.28 -0.93
C TYR A 13 -1.73 20.83 0.25
N LYS A 14 -0.72 21.65 -0.02
CA LYS A 14 0.05 22.28 1.06
C LYS A 14 -0.87 23.07 1.98
N ALA A 15 -1.67 23.98 1.40
CA ALA A 15 -2.52 24.83 2.21
C ALA A 15 -3.61 24.03 2.92
N GLU A 16 -4.19 23.05 2.23
CA GLU A 16 -5.25 22.26 2.84
C GLU A 16 -4.72 21.49 4.04
N PHE A 17 -3.56 20.83 3.89
CA PHE A 17 -2.97 20.13 5.03
C PHE A 17 -2.59 21.11 6.13
N ALA A 18 -2.06 22.28 5.78
CA ALA A 18 -1.65 23.25 6.78
C ALA A 18 -2.84 23.75 7.58
N SER A 19 -3.96 24.01 6.91
CA SER A 19 -5.15 24.48 7.62
C SER A 19 -5.76 23.38 8.47
N CYS A 20 -5.93 22.19 7.91
CA CYS A 20 -6.64 21.14 8.62
C CYS A 20 -5.76 20.35 9.58
N ARG A 21 -4.45 20.57 9.58
CA ARG A 21 -3.57 19.80 10.46
C ARG A 21 -3.85 20.15 11.91
N LEU A 22 -3.84 19.13 12.77
CA LEU A 22 -4.01 19.31 14.19
C LEU A 22 -2.68 19.64 14.83
N GLU A 23 -2.66 20.69 15.66
CA GLU A 23 -1.44 21.13 16.32
C GLU A 23 -1.19 20.25 17.53
N ALA A 24 -0.11 19.46 17.48
CA ALA A 24 0.28 18.61 18.59
C ALA A 24 1.30 19.33 19.45
N VAL A 25 1.16 19.17 20.77
CA VAL A 25 2.08 19.76 21.74
C VAL A 25 3.05 18.67 22.17
N PRO A 26 4.34 18.79 21.89
CA PRO A 26 5.30 17.75 22.29
C PRO A 26 5.38 17.65 23.80
N LEU A 27 5.86 16.50 24.26
CA LEU A 27 5.93 16.19 25.68
C LEU A 27 7.37 16.27 26.16
N GLU A 28 7.57 16.97 27.28
CA GLU A 28 8.86 16.99 27.96
C GLU A 28 8.89 15.90 29.01
N PHE A 29 10.11 15.55 29.45
CA PHE A 29 10.25 14.53 30.47
C PHE A 29 9.55 14.97 31.76
N GLY A 30 8.66 14.11 32.25
CA GLY A 30 7.82 14.45 33.36
C GLY A 30 6.36 14.45 32.94
N ASP A 31 6.10 14.91 31.72
CA ASP A 31 4.76 14.87 31.18
C ASP A 31 4.30 13.43 31.00
N TYR A 32 3.01 13.21 31.12
CA TYR A 32 2.48 11.85 31.15
C TYR A 32 2.20 11.35 29.74
N HIS A 33 2.76 10.19 29.41
CA HIS A 33 2.31 9.43 28.26
C HIS A 33 2.07 7.99 28.67
N PRO A 34 1.09 7.33 28.08
CA PRO A 34 0.55 6.09 28.67
C PRO A 34 1.56 4.99 28.87
N LEU A 35 2.56 4.86 27.99
CA LEU A 35 3.50 3.76 28.07
C LEU A 35 4.77 4.13 28.82
N LYS A 36 4.67 5.02 29.80
CA LYS A 36 5.82 5.33 30.64
C LYS A 36 5.90 4.33 31.78
N PRO A 37 7.01 3.61 31.94
CA PRO A 37 7.24 2.60 32.99
C PRO A 37 6.87 3.08 34.38
N SER A 580 20.01 -36.64 1.99
CA SER A 580 19.03 -36.37 0.96
C SER A 580 17.62 -36.53 1.51
N VAL A 581 17.17 -37.78 1.65
CA VAL A 581 15.84 -38.03 2.19
C VAL A 581 15.78 -37.67 3.67
N ARG A 582 16.92 -37.50 4.33
CA ARG A 582 16.97 -37.20 5.75
C ARG A 582 16.88 -35.69 5.98
N VAL A 583 15.76 -35.12 5.54
CA VAL A 583 15.50 -33.71 5.73
C VAL A 583 15.32 -33.34 7.19
N GLU A 584 15.16 -34.33 8.07
CA GLU A 584 14.97 -34.05 9.48
C GLU A 584 16.19 -33.36 10.07
N VAL A 585 17.39 -33.80 9.68
CA VAL A 585 18.62 -33.16 10.17
C VAL A 585 18.68 -31.72 9.70
N CYS A 586 18.29 -31.48 8.45
CA CYS A 586 18.28 -30.11 7.91
C CYS A 586 17.32 -29.23 8.69
N LYS A 587 16.12 -29.73 8.97
CA LYS A 587 15.16 -28.96 9.75
C LYS A 587 15.69 -28.71 11.15
N CYS A 588 16.34 -29.71 11.75
CA CYS A 588 16.88 -29.55 13.10
C CYS A 588 17.95 -28.48 13.13
N ILE A 589 18.81 -28.44 12.11
CA ILE A 589 19.85 -27.43 12.06
C ILE A 589 19.24 -26.05 11.86
N MET A 590 18.29 -25.95 10.93
CA MET A 590 17.72 -24.65 10.59
C MET A 590 16.92 -24.08 11.75
N ASP A 591 16.17 -24.94 12.47
CA ASP A 591 15.42 -24.47 13.62
C ASP A 591 16.36 -23.92 14.68
N ALA A 592 17.45 -24.64 14.96
CA ALA A 592 18.40 -24.17 15.96
C ALA A 592 19.00 -22.84 15.55
N PHE A 593 19.36 -22.68 14.27
CA PHE A 593 19.95 -21.43 13.83
C PHE A 593 18.95 -20.28 13.93
N ILE A 594 17.72 -20.50 13.46
CA ILE A 594 16.74 -19.41 13.43
C ILE A 594 16.32 -19.04 14.83
N LYS A 595 16.37 -19.99 15.77
CA LYS A 595 15.92 -19.70 17.12
C LYS A 595 17.05 -19.20 18.02
N HIS A 596 18.30 -19.45 17.66
CA HIS A 596 19.40 -19.08 18.55
C HIS A 596 20.54 -18.38 17.83
N GLN A 597 20.24 -17.60 16.80
CA GLN A 597 21.21 -16.69 16.18
C GLN A 597 20.46 -15.42 15.79
N GLN A 598 20.45 -14.45 16.70
CA GLN A 598 19.63 -13.25 16.56
C GLN A 598 20.42 -12.06 16.05
N GLU A 599 21.65 -12.28 15.58
CA GLU A 599 22.41 -11.21 14.95
C GLU A 599 22.83 -11.65 13.55
N PRO A 600 22.87 -10.73 12.59
CA PRO A 600 23.30 -11.09 11.24
C PRO A 600 24.76 -11.50 11.19
N THR A 601 25.08 -12.36 10.23
CA THR A 601 26.41 -12.93 10.08
C THR A 601 27.02 -12.53 8.74
N LYS A 602 28.31 -12.80 8.61
CA LYS A 602 29.06 -12.37 7.42
C LYS A 602 29.93 -13.50 6.89
N LEU A 607 27.47 -19.92 6.68
CA LEU A 607 26.74 -19.72 5.43
C LEU A 607 26.83 -20.94 4.54
N ASN A 608 28.06 -21.32 4.20
CA ASN A 608 28.28 -22.41 3.26
C ASN A 608 27.68 -23.72 3.78
N ALA A 609 27.89 -24.02 5.07
CA ALA A 609 27.27 -25.20 5.65
C ALA A 609 25.77 -25.06 5.67
N LEU A 610 25.27 -23.89 6.08
CA LEU A 610 23.83 -23.67 6.07
C LEU A 610 23.30 -23.68 4.64
N LEU A 611 24.09 -23.16 3.69
CA LEU A 611 23.68 -23.20 2.30
C LEU A 611 23.55 -24.64 1.80
N HIS A 612 24.49 -25.49 2.19
CA HIS A 612 24.41 -26.90 1.79
C HIS A 612 23.20 -27.58 2.42
N VAL A 613 22.93 -27.27 3.69
CA VAL A 613 21.74 -27.80 4.34
C VAL A 613 20.49 -27.37 3.59
N CYS A 614 20.43 -26.09 3.21
CA CYS A 614 19.26 -25.59 2.49
C CYS A 614 19.15 -26.25 1.12
N LYS A 615 20.27 -26.48 0.44
CA LYS A 615 20.22 -27.14 -0.86
C LYS A 615 19.69 -28.57 -0.72
N THR A 616 20.16 -29.30 0.29
CA THR A 616 19.67 -30.65 0.53
C THR A 616 18.19 -30.64 0.84
N MET A 617 17.74 -29.68 1.65
CA MET A 617 16.34 -29.61 2.01
C MET A 617 15.46 -29.24 0.83
N HIS A 618 15.93 -28.30 0.00
CA HIS A 618 15.13 -27.81 -1.12
C HIS A 618 15.06 -28.84 -2.24
N ASP A 619 16.11 -29.63 -2.42
CA ASP A 619 16.11 -30.63 -3.47
C ASP A 619 15.08 -31.72 -3.24
N SER A 620 14.50 -31.81 -2.04
CA SER A 620 13.46 -32.80 -1.79
C SER A 620 12.13 -32.41 -2.43
N VAL A 621 11.99 -31.16 -2.85
CA VAL A 621 10.74 -30.71 -3.46
C VAL A 621 10.56 -31.39 -4.80
N ASN A 622 9.43 -32.06 -4.98
CA ASN A 622 9.12 -32.76 -6.22
C ASN A 622 7.63 -32.60 -6.49
N ALA A 623 7.11 -33.40 -7.43
CA ALA A 623 5.68 -33.39 -7.69
C ALA A 623 4.88 -33.98 -6.54
N LEU A 624 5.52 -34.76 -5.67
CA LEU A 624 4.83 -35.41 -4.56
C LEU A 624 4.90 -34.60 -3.26
N THR A 625 5.48 -33.41 -3.30
CA THR A 625 5.58 -32.59 -2.10
C THR A 625 4.29 -31.80 -1.90
N LEU A 626 3.74 -31.90 -0.69
CA LEU A 626 2.49 -31.20 -0.40
C LEU A 626 2.75 -29.71 -0.20
N GLU A 627 1.65 -28.95 -0.14
CA GLU A 627 1.76 -27.50 0.00
C GLU A 627 2.21 -27.09 1.40
N ASP A 628 1.78 -27.83 2.43
CA ASP A 628 2.18 -27.51 3.79
C ASP A 628 3.68 -27.65 3.96
N GLU A 629 4.25 -28.73 3.44
CA GLU A 629 5.69 -28.93 3.54
C GLU A 629 6.43 -27.86 2.77
N LYS A 630 5.92 -27.46 1.60
CA LYS A 630 6.55 -26.39 0.85
C LYS A 630 6.52 -25.08 1.63
N ARG A 631 5.41 -24.79 2.30
CA ARG A 631 5.34 -23.59 3.13
C ARG A 631 6.38 -23.64 4.26
N MET A 632 6.48 -24.78 4.93
CA MET A 632 7.44 -24.91 6.03
C MET A 632 8.87 -24.74 5.53
N LEU A 633 9.21 -25.39 4.41
CA LEU A 633 10.56 -25.30 3.87
C LEU A 633 10.87 -23.89 3.44
N SER A 634 9.90 -23.21 2.82
CA SER A 634 10.11 -21.82 2.43
C SER A 634 10.36 -20.94 3.64
N TYR A 635 9.60 -21.16 4.71
CA TYR A 635 9.81 -20.41 5.93
C TYR A 635 11.21 -20.61 6.46
N LEU A 636 11.67 -21.86 6.49
CA LEU A 636 13.00 -22.13 7.03
C LEU A 636 14.10 -21.49 6.17
N ILE A 637 13.98 -21.60 4.85
CA ILE A 637 15.01 -21.03 3.99
C ILE A 637 15.00 -19.51 4.08
N ASN A 638 13.82 -18.90 4.23
CA ASN A 638 13.77 -17.46 4.39
C ASN A 638 14.38 -17.03 5.72
N GLY A 639 14.17 -17.83 6.76
CA GLY A 639 14.83 -17.55 8.03
C GLY A 639 16.34 -17.60 7.90
N PHE A 640 16.85 -18.56 7.13
CA PHE A 640 18.29 -18.58 6.86
C PHE A 640 18.74 -17.34 6.11
N ILE A 641 18.01 -16.96 5.07
CA ILE A 641 18.42 -15.83 4.23
C ILE A 641 18.40 -14.53 5.01
N LYS A 642 17.44 -14.37 5.94
CA LYS A 642 17.29 -13.10 6.64
C LYS A 642 18.56 -12.72 7.39
N MET A 643 19.24 -13.70 7.99
CA MET A 643 20.36 -13.42 8.89
C MET A 643 21.70 -13.27 8.17
N VAL A 644 21.73 -13.40 6.84
CA VAL A 644 23.00 -13.27 6.11
C VAL A 644 23.10 -11.83 5.62
N SER A 645 23.93 -11.04 6.30
CA SER A 645 24.04 -9.61 6.01
C SER A 645 25.51 -9.23 5.87
N PHE A 646 25.85 -8.60 4.75
CA PHE A 646 27.22 -8.18 4.49
C PHE A 646 27.43 -6.70 4.79
N GLY A 647 26.47 -6.05 5.45
CA GLY A 647 26.67 -4.68 5.88
C GLY A 647 26.82 -3.74 4.70
N ARG A 648 27.87 -2.91 4.75
CA ARG A 648 28.08 -1.90 3.73
C ARG A 648 28.57 -2.49 2.40
N ASP A 649 28.99 -3.74 2.38
CA ASP A 649 29.42 -4.38 1.13
C ASP A 649 28.16 -4.83 0.39
N PHE A 650 27.60 -3.92 -0.40
CA PHE A 650 26.34 -4.19 -1.08
C PHE A 650 26.51 -5.20 -2.20
N GLU A 651 27.62 -5.11 -2.95
CA GLU A 651 27.81 -5.96 -4.11
C GLU A 651 27.85 -7.43 -3.72
N GLN A 652 28.53 -7.75 -2.62
CA GLN A 652 28.57 -9.13 -2.18
C GLN A 652 27.20 -9.59 -1.72
N GLN A 653 26.40 -8.69 -1.16
CA GLN A 653 25.04 -9.03 -0.76
C GLN A 653 24.21 -9.42 -1.98
N LEU A 654 24.30 -8.62 -3.05
CA LEU A 654 23.56 -8.94 -4.26
C LEU A 654 24.07 -10.23 -4.89
N SER A 655 25.37 -10.47 -4.81
CA SER A 655 25.92 -11.73 -5.29
C SER A 655 25.35 -12.90 -4.49
N PHE A 656 25.24 -12.75 -3.17
CA PHE A 656 24.61 -13.79 -2.37
C PHE A 656 23.18 -14.01 -2.79
N TYR A 657 22.46 -12.93 -3.10
CA TYR A 657 21.07 -13.07 -3.48
C TYR A 657 20.91 -13.74 -4.84
N VAL A 658 21.79 -13.43 -5.80
CA VAL A 658 21.69 -14.08 -7.11
C VAL A 658 22.05 -15.55 -7.00
N GLU A 659 23.02 -15.89 -6.15
CA GLU A 659 23.32 -17.29 -5.89
C GLU A 659 22.14 -17.99 -5.24
N SER A 660 21.46 -17.30 -4.31
CA SER A 660 20.28 -17.89 -3.67
C SER A 660 19.18 -18.13 -4.69
N ARG A 661 18.96 -17.19 -5.60
CA ARG A 661 17.97 -17.38 -6.65
C ARG A 661 18.31 -18.58 -7.51
N SER A 662 19.59 -18.74 -7.85
CA SER A 662 20.02 -19.89 -8.63
C SER A 662 20.03 -21.18 -7.81
N MET A 663 19.88 -21.11 -6.49
CA MET A 663 19.88 -22.30 -5.65
C MET A 663 18.51 -22.74 -5.17
N PHE A 664 17.56 -21.82 -5.01
CA PHE A 664 16.24 -22.12 -4.45
C PHE A 664 15.15 -21.85 -5.48
N CYS A 665 15.33 -22.33 -6.70
CA CYS A 665 14.44 -21.97 -7.79
C CYS A 665 13.02 -22.48 -7.57
N ASN A 666 12.88 -23.70 -7.04
CA ASN A 666 11.57 -24.34 -7.02
C ASN A 666 10.62 -23.67 -6.03
N LEU A 667 11.09 -23.41 -4.82
CA LEU A 667 10.22 -22.84 -3.78
C LEU A 667 9.95 -21.37 -4.07
N GLU A 668 8.71 -21.06 -4.44
CA GLU A 668 8.34 -19.70 -4.80
C GLU A 668 8.49 -18.70 -3.66
N PRO A 669 8.04 -18.97 -2.42
CA PRO A 669 8.12 -17.94 -1.38
C PRO A 669 9.53 -17.46 -1.11
N VAL A 670 10.53 -18.34 -1.25
CA VAL A 670 11.92 -17.91 -1.16
C VAL A 670 12.23 -16.90 -2.25
N LEU A 671 11.72 -17.13 -3.46
CA LEU A 671 11.93 -16.18 -4.55
C LEU A 671 11.27 -14.84 -4.27
N VAL A 672 10.06 -14.86 -3.72
CA VAL A 672 9.40 -13.62 -3.35
C VAL A 672 10.21 -12.86 -2.31
N GLN A 673 10.71 -13.56 -1.30
CA GLN A 673 11.53 -12.91 -0.28
C GLN A 673 12.82 -12.37 -0.88
N LEU A 674 13.39 -13.08 -1.85
CA LEU A 674 14.61 -12.59 -2.49
C LEU A 674 14.35 -11.32 -3.26
N ILE A 675 13.24 -11.25 -3.98
CA ILE A 675 12.89 -10.01 -4.68
C ILE A 675 12.70 -8.87 -3.68
N HIS A 676 11.98 -9.14 -2.59
CA HIS A 676 11.74 -8.10 -1.59
C HIS A 676 13.05 -7.63 -0.97
N SER A 677 13.96 -8.55 -0.68
CA SER A 677 15.21 -8.17 -0.03
C SER A 677 16.14 -7.44 -0.99
N VAL A 678 16.09 -7.77 -2.29
CA VAL A 678 16.87 -7.01 -3.25
C VAL A 678 16.32 -5.59 -3.38
N ASN A 679 14.99 -5.46 -3.34
CA ASN A 679 14.40 -4.12 -3.35
C ASN A 679 14.83 -3.34 -2.11
N ARG A 680 14.85 -4.01 -0.96
CA ARG A 680 15.34 -3.37 0.25
C ARG A 680 16.80 -2.97 0.11
N LEU A 681 17.60 -3.80 -0.57
CA LEU A 681 19.01 -3.48 -0.76
C LEU A 681 19.19 -2.24 -1.62
N ALA A 682 18.43 -2.14 -2.70
CA ALA A 682 18.52 -0.95 -3.56
C ALA A 682 18.08 0.30 -2.80
N MET A 683 16.99 0.21 -2.05
CA MET A 683 16.53 1.36 -1.30
C MET A 683 17.51 1.71 -0.17
N GLU A 684 18.16 0.71 0.40
CA GLU A 684 19.17 0.96 1.43
C GLU A 684 20.38 1.66 0.84
N THR A 685 20.79 1.26 -0.35
CA THR A 685 21.88 1.97 -1.02
C THR A 685 21.49 3.41 -1.30
N ARG A 686 20.25 3.65 -1.73
CA ARG A 686 19.79 5.02 -1.89
C ARG A 686 19.85 5.79 -0.58
N LYS A 687 19.41 5.17 0.51
CA LYS A 687 19.41 5.86 1.80
C LYS A 687 20.83 6.17 2.27
N VAL A 688 21.75 5.23 2.09
CA VAL A 688 23.13 5.44 2.52
C VAL A 688 23.78 6.55 1.71
N MET A 689 23.60 6.54 0.39
CA MET A 689 24.17 7.59 -0.43
C MET A 689 23.22 8.77 -0.65
N LYS A 690 22.20 8.90 0.20
CA LYS A 690 21.45 10.14 0.36
C LYS A 690 20.89 10.68 -0.94
N GLY A 691 20.41 9.79 -1.80
CA GLY A 691 19.77 10.22 -3.03
C GLY A 691 20.73 10.62 -4.13
N ASN A 692 21.81 11.31 -3.77
CA ASN A 692 22.82 11.75 -4.73
C ASN A 692 23.68 10.55 -5.11
N HIS A 693 23.18 9.77 -6.06
CA HIS A 693 23.88 8.56 -6.47
C HIS A 693 25.25 8.86 -7.04
N SER A 694 26.20 7.99 -6.74
CA SER A 694 27.52 8.03 -7.36
C SER A 694 27.50 7.20 -8.63
N ARG A 695 28.50 7.41 -9.48
CA ARG A 695 28.59 6.63 -10.71
C ARG A 695 28.77 5.15 -10.42
N LYS A 696 29.39 4.81 -9.29
CA LYS A 696 29.63 3.41 -8.96
C LYS A 696 28.34 2.71 -8.57
N THR A 697 27.53 3.33 -7.72
CA THR A 697 26.33 2.66 -7.23
C THR A 697 25.15 2.79 -8.17
N ALA A 698 25.25 3.65 -9.18
CA ALA A 698 24.20 3.69 -10.20
C ALA A 698 24.09 2.35 -10.90
N ALA A 699 25.23 1.77 -11.27
CA ALA A 699 25.23 0.45 -11.87
C ALA A 699 24.70 -0.60 -10.91
N PHE A 700 25.00 -0.48 -9.61
CA PHE A 700 24.53 -1.48 -8.66
C PHE A 700 23.02 -1.42 -8.49
N VAL A 701 22.46 -0.22 -8.38
CA VAL A 701 21.01 -0.11 -8.21
C VAL A 701 20.30 -0.56 -9.49
N ARG A 702 20.91 -0.27 -10.66
CA ARG A 702 20.35 -0.80 -11.90
C ARG A 702 20.41 -2.31 -11.92
N ALA A 703 21.48 -2.88 -11.35
CA ALA A 703 21.59 -4.33 -11.29
C ALA A 703 20.51 -4.93 -10.40
N CYS A 704 20.22 -4.27 -9.27
CA CYS A 704 19.15 -4.76 -8.40
C CYS A 704 17.81 -4.69 -9.11
N VAL A 705 17.55 -3.60 -9.82
CA VAL A 705 16.30 -3.48 -10.56
C VAL A 705 16.18 -4.55 -11.63
N ALA A 706 17.27 -4.81 -12.35
CA ALA A 706 17.27 -5.87 -13.37
C ALA A 706 17.07 -7.24 -12.74
N TYR A 707 17.65 -7.46 -11.56
CA TYR A 707 17.42 -8.71 -10.85
C TYR A 707 15.95 -8.90 -10.54
N CYS A 708 15.28 -7.83 -10.10
CA CYS A 708 13.84 -7.91 -9.88
C CYS A 708 13.10 -8.19 -11.18
N PHE A 709 13.49 -7.53 -12.26
CA PHE A 709 12.79 -7.68 -13.54
C PHE A 709 12.88 -9.10 -14.06
N ILE A 710 14.04 -9.73 -13.93
CA ILE A 710 14.19 -11.09 -14.44
C ILE A 710 13.62 -12.13 -13.50
N THR A 711 13.58 -11.86 -12.19
CA THR A 711 13.10 -12.86 -11.24
C THR A 711 11.59 -12.88 -11.07
N ILE A 712 10.91 -11.73 -11.17
CA ILE A 712 9.47 -11.71 -10.91
C ILE A 712 8.68 -12.62 -11.84
N PRO A 713 8.92 -12.64 -13.16
CA PRO A 713 8.13 -13.53 -14.01
C PRO A 713 8.20 -15.00 -13.65
N SER A 714 9.27 -15.44 -12.98
CA SER A 714 9.38 -16.84 -12.62
C SER A 714 8.35 -17.26 -11.57
N LEU A 715 7.69 -16.31 -10.93
CA LEU A 715 6.70 -16.64 -9.93
C LEU A 715 5.44 -17.18 -10.58
N ALA A 716 4.67 -17.94 -9.81
CA ALA A 716 3.42 -18.51 -10.32
C ALA A 716 2.20 -17.70 -9.91
N GLY A 717 2.21 -17.13 -8.70
CA GLY A 717 1.08 -16.35 -8.23
C GLY A 717 0.80 -15.13 -9.10
N ILE A 718 -0.44 -15.02 -9.57
CA ILE A 718 -0.77 -13.95 -10.52
C ILE A 718 -0.76 -12.60 -9.81
N PHE A 719 -1.37 -12.50 -8.64
CA PHE A 719 -1.46 -11.25 -7.92
C PHE A 719 -0.16 -10.88 -7.24
N THR A 720 0.60 -11.87 -6.78
CA THR A 720 1.96 -11.59 -6.35
C THR A 720 2.79 -11.00 -7.48
N ARG A 721 2.63 -11.53 -8.70
CA ARG A 721 3.34 -10.98 -9.84
C ARG A 721 2.94 -9.54 -10.09
N LEU A 722 1.65 -9.25 -10.07
CA LEU A 722 1.21 -7.88 -10.33
C LEU A 722 1.73 -6.91 -9.27
N ASN A 723 1.57 -7.27 -8.01
CA ASN A 723 2.02 -6.38 -6.94
C ASN A 723 3.53 -6.21 -6.95
N LEU A 724 4.28 -7.25 -7.33
CA LEU A 724 5.73 -7.11 -7.33
C LEU A 724 6.22 -6.32 -8.53
N TYR A 725 5.60 -6.47 -9.69
CA TYR A 725 5.84 -5.49 -10.75
C TYR A 725 5.61 -4.07 -10.27
N LEU A 726 4.48 -3.82 -9.61
CA LEU A 726 4.20 -2.45 -9.19
C LEU A 726 5.24 -1.94 -8.21
N HIS A 727 5.56 -2.75 -7.19
CA HIS A 727 6.48 -2.30 -6.15
C HIS A 727 7.91 -2.18 -6.67
N SER A 728 8.34 -3.13 -7.50
CA SER A 728 9.68 -3.05 -8.07
C SER A 728 9.80 -1.87 -9.03
N GLY A 729 8.72 -1.56 -9.74
CA GLY A 729 8.72 -0.37 -10.56
C GLY A 729 8.84 0.90 -9.73
N GLN A 730 8.14 0.94 -8.59
CA GLN A 730 8.30 2.08 -7.71
C GLN A 730 9.72 2.18 -7.17
N VAL A 731 10.31 1.04 -6.80
CA VAL A 731 11.67 1.03 -6.29
C VAL A 731 12.65 1.51 -7.34
N ALA A 732 12.49 1.03 -8.58
CA ALA A 732 13.32 1.51 -9.68
C ALA A 732 13.12 3.00 -9.91
N LEU A 733 11.88 3.46 -9.82
CA LEU A 733 11.55 4.85 -10.07
C LEU A 733 11.99 5.76 -8.93
N ALA A 734 12.43 5.21 -7.81
CA ALA A 734 13.03 6.00 -6.75
C ALA A 734 14.54 6.15 -6.91
N ASN A 735 15.12 5.55 -7.96
CA ASN A 735 16.56 5.58 -8.18
C ASN A 735 16.90 6.08 -9.58
N GLN A 736 16.01 6.86 -10.19
CA GLN A 736 16.26 7.49 -11.49
C GLN A 736 16.51 6.45 -12.59
N CYS A 737 15.93 5.27 -12.43
CA CYS A 737 15.93 4.26 -13.49
C CYS A 737 14.58 4.29 -14.21
N LEU A 738 14.39 5.37 -14.96
CA LEU A 738 13.08 5.64 -15.57
C LEU A 738 12.72 4.54 -16.58
N SER A 739 13.67 4.16 -17.43
CA SER A 739 13.36 3.23 -18.51
C SER A 739 12.93 1.88 -17.98
N GLN A 740 13.61 1.38 -16.94
CA GLN A 740 13.23 0.10 -16.37
C GLN A 740 11.95 0.18 -15.56
N ALA A 741 11.67 1.32 -14.94
CA ALA A 741 10.39 1.49 -14.26
C ALA A 741 9.24 1.41 -15.26
N ASP A 742 9.40 2.07 -16.42
CA ASP A 742 8.37 1.98 -17.44
C ASP A 742 8.17 0.54 -17.91
N ALA A 743 9.26 -0.22 -18.03
CA ALA A 743 9.15 -1.62 -18.42
C ALA A 743 8.39 -2.41 -17.36
N PHE A 744 8.66 -2.13 -16.08
CA PHE A 744 7.93 -2.82 -15.01
C PHE A 744 6.44 -2.55 -15.10
N PHE A 745 6.08 -1.28 -15.27
CA PHE A 745 4.67 -0.92 -15.35
C PHE A 745 4.01 -1.54 -16.57
N LYS A 746 4.70 -1.56 -17.70
CA LYS A 746 4.15 -2.18 -18.90
C LYS A 746 3.96 -3.67 -18.71
N ALA A 747 4.90 -4.32 -18.02
CA ALA A 747 4.74 -5.75 -17.75
C ALA A 747 3.52 -6.00 -16.87
N ALA A 748 3.32 -5.18 -15.84
CA ALA A 748 2.14 -5.34 -15.00
C ALA A 748 0.86 -5.14 -15.80
N ILE A 749 0.82 -4.12 -16.65
CA ILE A 749 -0.37 -3.87 -17.46
C ILE A 749 -0.63 -5.04 -18.40
N SER A 750 0.42 -5.55 -19.05
CA SER A 750 0.27 -6.67 -19.96
C SER A 750 -0.15 -7.94 -19.24
N LEU A 751 0.19 -8.07 -17.96
CA LEU A 751 -0.17 -9.26 -17.20
C LEU A 751 -1.55 -9.18 -16.58
N VAL A 752 -2.10 -7.97 -16.45
CA VAL A 752 -3.45 -7.79 -15.92
C VAL A 752 -4.49 -8.63 -16.66
N PRO A 753 -4.51 -8.67 -18.01
CA PRO A 753 -5.59 -9.39 -18.69
C PRO A 753 -5.64 -10.89 -18.46
N GLU A 754 -4.79 -11.43 -17.58
CA GLU A 754 -4.74 -12.85 -17.35
C GLU A 754 -5.40 -13.29 -16.05
N VAL A 755 -5.74 -12.36 -15.15
CA VAL A 755 -6.28 -12.75 -13.85
C VAL A 755 -7.63 -13.43 -14.04
N PRO A 756 -7.85 -14.62 -13.47
CA PRO A 756 -9.12 -15.33 -13.70
C PRO A 756 -10.20 -14.95 -12.70
N LYS A 757 -11.36 -15.58 -12.81
CA LYS A 757 -12.43 -15.31 -11.86
C LYS A 757 -12.11 -15.85 -10.48
N MET A 758 -11.64 -17.10 -10.42
CA MET A 758 -11.42 -17.80 -9.16
C MET A 758 -9.94 -17.89 -8.88
N ILE A 759 -9.54 -17.52 -7.66
CA ILE A 759 -8.16 -17.56 -7.24
C ILE A 759 -8.07 -18.41 -5.97
N ASN A 760 -6.90 -19.00 -5.77
CA ASN A 760 -6.67 -19.85 -4.60
C ASN A 760 -6.28 -18.97 -3.41
N ILE A 761 -6.98 -19.15 -2.29
CA ILE A 761 -6.76 -18.40 -1.07
C ILE A 761 -6.88 -19.40 0.07
N ASP A 762 -5.75 -19.78 0.67
CA ASP A 762 -5.72 -20.72 1.78
C ASP A 762 -6.42 -22.03 1.43
N GLY A 763 -6.30 -22.46 0.18
CA GLY A 763 -6.90 -23.69 -0.28
C GLY A 763 -8.33 -23.57 -0.78
N LYS A 764 -8.94 -22.39 -0.71
CA LYS A 764 -10.31 -22.20 -1.15
C LYS A 764 -10.35 -21.25 -2.35
N MET A 765 -11.24 -21.55 -3.29
CA MET A 765 -11.37 -20.75 -4.50
C MET A 765 -12.33 -19.60 -4.23
N ARG A 766 -11.87 -18.37 -4.40
CA ARG A 766 -12.67 -17.18 -4.16
C ARG A 766 -12.61 -16.27 -5.36
N PRO A 767 -13.63 -15.44 -5.56
CA PRO A 767 -13.61 -14.51 -6.69
C PRO A 767 -12.44 -13.55 -6.59
N SER A 768 -11.86 -13.23 -7.75
CA SER A 768 -10.73 -12.32 -7.84
C SER A 768 -11.16 -10.90 -8.21
N GLU A 769 -12.46 -10.62 -8.21
CA GLU A 769 -12.93 -9.31 -8.63
C GLU A 769 -12.46 -8.22 -7.68
N SER A 770 -12.69 -8.40 -6.38
CA SER A 770 -12.32 -7.37 -5.41
C SER A 770 -10.81 -7.17 -5.37
N PHE A 771 -10.05 -8.26 -5.45
CA PHE A 771 -8.61 -8.16 -5.43
C PHE A 771 -8.10 -7.41 -6.66
N LEU A 772 -8.68 -7.66 -7.82
CA LEU A 772 -8.30 -6.93 -9.02
C LEU A 772 -8.66 -5.46 -8.88
N LEU A 773 -9.81 -5.16 -8.28
CA LEU A 773 -10.17 -3.76 -8.05
C LEU A 773 -9.13 -3.08 -7.16
N GLU A 774 -8.71 -3.76 -6.09
CA GLU A 774 -7.70 -3.19 -5.21
C GLU A 774 -6.38 -2.96 -5.94
N PHE A 775 -5.94 -3.95 -6.73
CA PHE A 775 -4.68 -3.79 -7.45
C PHE A 775 -4.75 -2.67 -8.45
N LEU A 776 -5.86 -2.54 -9.17
CA LEU A 776 -5.99 -1.47 -10.14
C LEU A 776 -6.02 -0.12 -9.46
N CYS A 777 -6.65 -0.03 -8.29
CA CYS A 777 -6.60 1.22 -7.55
C CYS A 777 -5.18 1.56 -7.14
N ASN A 778 -4.42 0.57 -6.68
CA ASN A 778 -3.03 0.78 -6.32
C ASN A 778 -2.23 1.26 -7.52
N PHE A 779 -2.45 0.63 -8.68
CA PHE A 779 -1.72 0.99 -9.90
C PHE A 779 -2.05 2.41 -10.34
N PHE A 780 -3.33 2.79 -10.28
CA PHE A 780 -3.73 4.13 -10.65
C PHE A 780 -3.12 5.16 -9.72
N SER A 781 -3.11 4.87 -8.43
CA SER A 781 -2.46 5.78 -7.49
C SER A 781 -0.97 5.88 -7.78
N THR A 782 -0.34 4.79 -8.20
CA THR A 782 1.08 4.81 -8.55
C THR A 782 1.35 5.63 -9.80
N LEU A 783 0.45 5.61 -10.77
CA LEU A 783 0.70 6.29 -12.03
C LEU A 783 0.75 7.81 -11.92
N LEU A 784 0.38 8.37 -10.77
CA LEU A 784 0.42 9.82 -10.62
C LEU A 784 1.84 10.36 -10.67
N ILE A 785 2.81 9.60 -10.15
CA ILE A 785 4.18 10.06 -10.01
C ILE A 785 4.98 9.73 -11.25
N VAL A 786 4.52 8.75 -12.02
CA VAL A 786 5.35 8.20 -13.10
C VAL A 786 5.55 9.25 -14.18
N PRO A 787 6.78 9.52 -14.59
CA PRO A 787 6.99 10.44 -15.71
C PRO A 787 6.53 9.82 -17.01
N ASP A 788 6.15 10.68 -17.95
CA ASP A 788 5.75 10.26 -19.28
C ASP A 788 6.95 10.40 -20.21
N HIS A 789 7.38 9.28 -20.78
CA HIS A 789 8.46 9.33 -21.76
C HIS A 789 7.99 10.11 -22.98
N PRO A 790 8.79 11.05 -23.49
CA PRO A 790 8.31 11.92 -24.57
C PRO A 790 8.01 11.19 -25.87
N GLU A 791 8.55 10.00 -26.07
CA GLU A 791 8.35 9.32 -27.33
C GLU A 791 6.96 8.73 -27.49
N HIS A 792 6.03 8.95 -26.57
CA HIS A 792 4.69 8.39 -26.65
C HIS A 792 3.67 9.49 -26.37
N GLY A 793 2.39 9.11 -26.44
CA GLY A 793 1.33 10.05 -26.11
C GLY A 793 1.23 10.31 -24.63
N VAL A 794 0.51 11.37 -24.29
CA VAL A 794 0.37 11.76 -22.90
C VAL A 794 -0.44 10.71 -22.14
N LEU A 795 -0.14 10.59 -20.84
CA LEU A 795 -0.82 9.64 -19.97
C LEU A 795 -0.77 8.23 -20.55
N PHE A 796 0.39 7.85 -21.07
CA PHE A 796 0.49 6.65 -21.90
C PHE A 796 0.17 5.40 -21.09
N LEU A 797 0.78 5.27 -19.91
CA LEU A 797 0.50 4.09 -19.10
C LEU A 797 -0.92 4.12 -18.55
N VAL A 798 -1.41 5.31 -18.20
CA VAL A 798 -2.81 5.43 -17.77
C VAL A 798 -3.74 4.99 -18.88
N ARG A 799 -3.50 5.45 -20.09
CA ARG A 799 -4.39 5.09 -21.21
C ARG A 799 -4.26 3.61 -21.54
N GLU A 800 -3.06 3.06 -21.45
CA GLU A 800 -2.89 1.63 -21.70
C GLU A 800 -3.66 0.81 -20.68
N LEU A 801 -3.60 1.20 -19.40
CA LEU A 801 -4.35 0.49 -18.38
C LEU A 801 -5.86 0.63 -18.61
N LEU A 802 -6.30 1.82 -19.03
CA LEU A 802 -7.71 2.00 -19.33
C LEU A 802 -8.15 1.13 -20.49
N ASN A 803 -7.34 1.02 -21.54
CA ASN A 803 -7.67 0.12 -22.65
C ASN A 803 -7.73 -1.32 -22.17
N VAL A 804 -6.78 -1.73 -21.34
CA VAL A 804 -6.74 -3.10 -20.85
C VAL A 804 -7.99 -3.41 -20.05
N ILE A 805 -8.40 -2.49 -19.16
CA ILE A 805 -9.58 -2.75 -18.35
C ILE A 805 -10.84 -2.68 -19.20
N GLN A 806 -10.84 -1.84 -20.23
CA GLN A 806 -11.98 -1.81 -21.15
C GLN A 806 -12.14 -3.12 -21.88
N ASP A 807 -11.05 -3.77 -22.28
CA ASP A 807 -11.12 -5.04 -22.98
C ASP A 807 -11.12 -6.25 -22.05
N TYR A 808 -11.00 -6.05 -20.74
CA TYR A 808 -10.97 -7.16 -19.80
C TYR A 808 -12.33 -7.83 -19.74
N THR A 809 -12.32 -9.15 -19.51
CA THR A 809 -13.56 -9.90 -19.46
C THR A 809 -14.19 -9.83 -18.07
N TRP A 810 -15.10 -8.89 -17.87
CA TRP A 810 -15.78 -8.75 -16.59
C TRP A 810 -17.04 -9.59 -16.56
N GLU A 811 -17.45 -9.98 -15.36
CA GLU A 811 -18.65 -10.79 -15.20
C GLU A 811 -19.88 -9.98 -15.61
N ASP A 812 -20.86 -10.69 -16.19
CA ASP A 812 -22.07 -10.05 -16.67
C ASP A 812 -22.87 -9.45 -15.52
N ASN A 813 -22.95 -10.15 -14.40
CA ASN A 813 -23.64 -9.66 -13.23
C ASN A 813 -22.78 -8.74 -12.38
N SER A 814 -21.72 -8.17 -12.95
CA SER A 814 -20.75 -7.37 -12.22
C SER A 814 -20.77 -5.93 -12.72
N ASP A 815 -20.66 -4.99 -11.79
CA ASP A 815 -20.57 -3.58 -12.10
C ASP A 815 -19.29 -2.95 -11.57
N GLU A 816 -18.30 -3.75 -11.19
CA GLU A 816 -17.09 -3.19 -10.61
C GLU A 816 -16.27 -2.42 -11.64
N LYS A 817 -16.46 -2.72 -12.93
CA LYS A 817 -15.73 -2.00 -13.96
C LYS A 817 -16.06 -0.51 -13.92
N ILE A 818 -17.34 -0.20 -13.76
CA ILE A 818 -17.73 1.20 -13.62
C ILE A 818 -17.20 1.80 -12.32
N ARG A 819 -17.07 1.00 -11.26
CA ARG A 819 -16.43 1.49 -10.04
C ARG A 819 -14.99 1.88 -10.30
N ILE A 820 -14.27 1.08 -11.09
CA ILE A 820 -12.88 1.41 -11.37
C ILE A 820 -12.80 2.64 -12.26
N TYR A 821 -13.74 2.81 -13.18
CA TYR A 821 -13.78 4.04 -13.95
C TYR A 821 -14.02 5.25 -13.03
N THR A 822 -14.92 5.10 -12.08
CA THR A 822 -15.14 6.13 -11.08
C THR A 822 -13.84 6.44 -10.34
N CYS A 823 -13.04 5.42 -10.08
CA CYS A 823 -11.75 5.61 -9.45
C CYS A 823 -10.78 6.35 -10.37
N VAL A 824 -10.79 6.03 -11.67
CA VAL A 824 -9.92 6.69 -12.63
C VAL A 824 -10.21 8.18 -12.66
N LEU A 825 -11.47 8.55 -12.47
CA LEU A 825 -11.80 9.96 -12.32
C LEU A 825 -10.95 10.61 -11.24
N HIS A 826 -10.76 9.92 -10.10
CA HIS A 826 -9.96 10.48 -9.02
C HIS A 826 -8.53 10.74 -9.47
N LEU A 827 -7.91 9.74 -10.11
CA LEU A 827 -6.52 9.88 -10.51
C LEU A 827 -6.35 11.01 -11.51
N LEU A 828 -7.25 11.09 -12.48
CA LEU A 828 -7.13 12.15 -13.47
C LEU A 828 -7.30 13.52 -12.83
N SER A 829 -8.29 13.66 -11.93
CA SER A 829 -8.51 14.94 -11.28
C SER A 829 -7.29 15.35 -10.47
N ALA A 830 -6.67 14.41 -9.75
CA ALA A 830 -5.45 14.73 -9.02
C ALA A 830 -4.30 15.07 -9.96
N MET A 831 -4.17 14.34 -11.06
CA MET A 831 -3.09 14.56 -12.01
C MET A 831 -3.21 15.88 -12.76
N SER A 832 -4.39 16.49 -12.75
CA SER A 832 -4.59 17.76 -13.42
C SER A 832 -4.21 18.98 -12.58
N GLN A 833 -3.71 18.77 -11.36
CA GLN A 833 -3.43 19.89 -10.48
C GLN A 833 -2.11 20.56 -10.84
N GLU A 834 -1.83 21.69 -10.17
CA GLU A 834 -0.59 22.41 -10.41
C GLU A 834 0.62 21.63 -9.92
N THR A 835 0.57 21.18 -8.66
CA THR A 835 1.64 20.38 -8.07
C THR A 835 1.04 19.14 -7.44
N TYR A 836 1.70 18.00 -7.64
CA TYR A 836 1.09 16.74 -7.25
C TYR A 836 1.14 16.55 -5.74
N LEU A 837 0.27 15.67 -5.25
CA LEU A 837 0.15 15.43 -3.81
C LEU A 837 1.42 14.80 -3.25
N TYR A 838 1.99 13.83 -3.94
CA TYR A 838 3.20 13.17 -3.49
C TYR A 838 4.17 13.03 -4.65
N HIS A 839 5.46 12.98 -4.31
CA HIS A 839 6.54 12.97 -5.29
C HIS A 839 7.58 11.92 -4.93
N ILE A 840 8.36 11.55 -5.93
CA ILE A 840 9.61 10.83 -5.71
C ILE A 840 10.71 11.86 -5.49
N ASP A 841 11.85 11.41 -4.98
CA ASP A 841 12.90 12.32 -4.54
C ASP A 841 13.37 13.25 -5.66
N LYS A 842 13.73 12.68 -6.81
CA LYS A 842 14.28 13.49 -7.89
C LYS A 842 13.75 13.08 -9.26
N VAL A 843 12.54 12.53 -9.31
CA VAL A 843 11.92 12.17 -10.59
C VAL A 843 10.91 13.26 -10.96
N ASP A 844 11.08 13.83 -12.14
CA ASP A 844 10.19 14.89 -12.60
C ASP A 844 8.90 14.25 -13.07
N SER A 845 7.92 14.21 -12.17
CA SER A 845 6.59 13.75 -12.54
C SER A 845 5.95 14.73 -13.50
N ASN A 846 4.77 14.36 -14.00
CA ASN A 846 4.13 15.16 -15.05
C ASN A 846 3.82 16.57 -14.57
N ASP A 847 3.72 16.79 -13.26
CA ASP A 847 3.38 18.11 -12.74
C ASP A 847 4.45 19.14 -13.11
N SER A 848 5.72 18.76 -13.02
CA SER A 848 6.80 19.64 -13.41
C SER A 848 7.32 19.35 -14.81
N LEU A 849 7.13 18.13 -15.30
CA LEU A 849 7.58 17.80 -16.65
C LEU A 849 6.79 18.59 -17.69
N TYR A 850 5.47 18.43 -17.70
CA TYR A 850 4.64 19.24 -18.58
C TYR A 850 4.35 20.62 -18.02
N GLY A 851 4.61 20.83 -16.73
CA GLY A 851 4.39 22.14 -16.13
C GLY A 851 2.96 22.62 -16.21
N GLY A 852 2.00 21.70 -16.25
CA GLY A 852 0.61 22.09 -16.44
C GLY A 852 0.36 22.74 -17.78
N ASP A 853 0.95 22.22 -18.85
CA ASP A 853 0.75 22.78 -20.17
C ASP A 853 -0.70 22.61 -20.60
N SER A 854 -1.23 23.63 -21.28
CA SER A 854 -2.64 23.63 -21.65
C SER A 854 -2.99 22.42 -22.51
N LYS A 855 -2.04 21.97 -23.33
CA LYS A 855 -2.28 20.78 -24.15
C LYS A 855 -2.42 19.54 -23.27
N PHE A 856 -1.52 19.37 -22.30
CA PHE A 856 -1.59 18.21 -21.41
C PHE A 856 -2.85 18.25 -20.55
N LEU A 857 -3.19 19.42 -20.02
CA LEU A 857 -4.40 19.56 -19.23
C LEU A 857 -5.64 19.26 -20.08
N ALA A 858 -5.65 19.74 -21.33
CA ALA A 858 -6.77 19.48 -22.21
C ALA A 858 -6.88 17.99 -22.52
N GLU A 859 -5.76 17.32 -22.74
CA GLU A 859 -5.80 15.88 -23.00
C GLU A 859 -6.34 15.13 -21.78
N ASN A 860 -5.91 15.52 -20.58
CA ASN A 860 -6.45 14.93 -19.37
C ASN A 860 -7.95 15.15 -19.28
N ASN A 861 -8.40 16.38 -19.59
CA ASN A 861 -9.83 16.68 -19.54
C ASN A 861 -10.61 15.83 -20.54
N LYS A 862 -10.09 15.69 -21.75
CA LYS A 862 -10.78 14.90 -22.76
C LYS A 862 -10.86 13.44 -22.35
N LEU A 863 -9.79 12.91 -21.77
CA LEU A 863 -9.84 11.54 -21.25
C LEU A 863 -10.87 11.41 -20.15
N CYS A 864 -10.96 12.41 -19.27
CA CYS A 864 -11.99 12.41 -18.25
C CYS A 864 -13.37 12.36 -18.87
N GLU A 865 -13.59 13.16 -19.91
CA GLU A 865 -14.89 13.18 -20.57
C GLU A 865 -15.21 11.83 -21.18
N THR A 866 -14.22 11.17 -21.79
CA THR A 866 -14.47 9.86 -22.36
C THR A 866 -14.86 8.84 -21.29
N VAL A 867 -14.15 8.85 -20.16
CA VAL A 867 -14.48 7.90 -19.09
C VAL A 867 -15.86 8.18 -18.54
N MET A 868 -16.22 9.45 -18.37
CA MET A 868 -17.56 9.79 -17.90
C MET A 868 -18.62 9.35 -18.89
N ALA A 869 -18.34 9.50 -20.19
CA ALA A 869 -19.29 9.04 -21.20
C ALA A 869 -19.51 7.53 -21.08
N GLN A 870 -18.43 6.78 -20.88
CA GLN A 870 -18.57 5.34 -20.69
C GLN A 870 -19.42 5.03 -19.46
N ILE A 871 -19.17 5.74 -18.36
CA ILE A 871 -19.90 5.49 -17.13
C ILE A 871 -21.38 5.81 -17.32
N LEU A 872 -21.68 6.92 -17.97
CA LEU A 872 -23.08 7.29 -18.20
C LEU A 872 -23.77 6.29 -19.11
N GLU A 873 -23.06 5.78 -20.11
CA GLU A 873 -23.62 4.73 -20.96
C GLU A 873 -24.00 3.51 -20.13
N HIS A 874 -23.10 3.09 -19.24
CA HIS A 874 -23.43 1.96 -18.38
C HIS A 874 -24.62 2.27 -17.47
N LEU A 875 -24.70 3.51 -16.98
CA LEU A 875 -25.82 3.87 -16.13
C LEU A 875 -27.15 3.77 -16.89
N LYS A 876 -27.17 4.25 -18.14
CA LYS A 876 -28.39 4.15 -18.93
C LYS A 876 -28.76 2.69 -19.21
N THR A 877 -27.75 1.87 -19.53
CA THR A 877 -28.02 0.45 -19.72
C THR A 877 -28.56 -0.19 -18.45
N LEU A 878 -28.12 0.30 -17.29
CA LEU A 878 -28.69 -0.18 -16.03
C LEU A 878 -30.17 0.16 -15.94
N ALA A 879 -30.56 1.37 -16.35
CA ALA A 879 -31.97 1.74 -16.33
C ALA A 879 -32.77 0.86 -17.29
N LYS A 880 -32.21 0.58 -18.47
CA LYS A 880 -32.89 -0.30 -19.41
C LYS A 880 -32.91 -1.75 -18.93
N ASP A 881 -32.04 -2.09 -17.98
CA ASP A 881 -32.06 -3.44 -17.42
C ASP A 881 -33.01 -3.55 -16.22
N GLU A 882 -33.55 -2.43 -15.74
CA GLU A 882 -34.57 -2.35 -14.71
C GLU A 882 -34.09 -2.79 -13.33
N ALA A 883 -32.83 -3.24 -13.19
CA ALA A 883 -32.29 -3.58 -11.87
C ALA A 883 -31.78 -2.31 -11.21
N LEU A 884 -32.73 -1.59 -10.59
CA LEU A 884 -32.46 -0.21 -10.17
C LEU A 884 -31.53 -0.14 -8.96
N LYS A 885 -31.37 -1.24 -8.23
CA LYS A 885 -30.53 -1.20 -7.04
C LYS A 885 -29.09 -0.88 -7.40
N ARG A 886 -28.52 -1.61 -8.36
CA ARG A 886 -27.17 -1.32 -8.82
C ARG A 886 -27.08 0.06 -9.44
N GLN A 887 -28.13 0.49 -10.13
CA GLN A 887 -28.13 1.83 -10.71
C GLN A 887 -27.99 2.90 -9.63
N SER A 888 -28.78 2.77 -8.55
CA SER A 888 -28.69 3.73 -7.46
C SER A 888 -27.34 3.67 -6.77
N SER A 889 -26.80 2.46 -6.59
CA SER A 889 -25.49 2.33 -5.96
C SER A 889 -24.41 3.04 -6.77
N LEU A 890 -24.36 2.76 -8.07
CA LEU A 890 -23.36 3.41 -8.90
C LEU A 890 -23.61 4.90 -9.01
N GLY A 891 -24.86 5.34 -9.00
CA GLY A 891 -25.14 6.76 -9.01
C GLY A 891 -24.64 7.46 -7.75
N LEU A 892 -24.83 6.82 -6.59
CA LEU A 892 -24.27 7.35 -5.36
C LEU A 892 -22.75 7.44 -5.45
N SER A 893 -22.12 6.39 -5.96
CA SER A 893 -20.66 6.42 -6.08
C SER A 893 -20.19 7.53 -7.02
N PHE A 894 -20.88 7.70 -8.14
CA PHE A 894 -20.47 8.70 -9.12
C PHE A 894 -20.70 10.11 -8.61
N PHE A 895 -21.83 10.35 -7.95
CA PHE A 895 -22.07 11.66 -7.36
C PHE A 895 -21.04 11.95 -6.28
N ASN A 896 -20.68 10.95 -5.48
CA ASN A 896 -19.64 11.16 -4.48
C ASN A 896 -18.31 11.49 -5.14
N SER A 897 -18.00 10.83 -6.25
CA SER A 897 -16.77 11.14 -6.98
C SER A 897 -16.76 12.58 -7.46
N ILE A 898 -17.88 13.02 -8.06
CA ILE A 898 -17.95 14.38 -8.56
C ILE A 898 -17.80 15.38 -7.41
N LEU A 899 -18.49 15.13 -6.30
CA LEU A 899 -18.37 16.01 -5.14
C LEU A 899 -16.95 16.03 -4.61
N ALA A 900 -16.25 14.90 -4.66
CA ALA A 900 -14.88 14.84 -4.16
C ALA A 900 -13.94 15.66 -5.02
N HIS A 901 -14.02 15.49 -6.34
CA HIS A 901 -12.97 16.07 -7.18
C HIS A 901 -13.49 17.06 -8.22
N GLY A 902 -14.73 16.89 -8.68
CA GLY A 902 -15.22 17.73 -9.76
C GLY A 902 -15.39 19.16 -9.35
N ASP A 903 -15.21 20.07 -10.32
CA ASP A 903 -15.38 21.50 -10.10
C ASP A 903 -16.87 21.83 -10.20
N LEU A 904 -17.53 21.87 -9.05
CA LEU A 904 -18.96 22.10 -9.02
C LEU A 904 -19.34 23.50 -9.48
N ARG A 905 -18.38 24.43 -9.50
CA ARG A 905 -18.69 25.78 -9.96
C ARG A 905 -19.16 25.76 -11.40
N ASN A 906 -18.53 24.95 -12.24
CA ASN A 906 -18.97 24.79 -13.61
C ASN A 906 -20.41 24.31 -13.65
N ASN A 907 -21.23 24.98 -14.46
CA ASN A 907 -22.65 24.65 -14.52
C ASN A 907 -22.88 23.25 -15.09
N LYS A 908 -22.12 22.89 -16.13
CA LYS A 908 -22.40 21.66 -16.85
C LYS A 908 -22.21 20.43 -15.95
N LEU A 909 -21.13 20.42 -15.17
CA LEU A 909 -20.91 19.30 -14.27
C LEU A 909 -21.90 19.34 -13.11
N ASN A 910 -22.28 20.54 -12.67
CA ASN A 910 -23.22 20.67 -11.57
C ASN A 910 -24.58 20.08 -11.96
N GLN A 911 -25.02 20.35 -13.18
CA GLN A 911 -26.30 19.79 -13.63
C GLN A 911 -26.25 18.27 -13.65
N LEU A 912 -25.13 17.70 -14.11
CA LEU A 912 -24.99 16.26 -14.10
C LEU A 912 -25.03 15.72 -12.67
N SER A 913 -24.37 16.40 -11.74
CA SER A 913 -24.36 15.95 -10.36
C SER A 913 -25.76 15.99 -9.76
N VAL A 914 -26.50 17.06 -10.02
CA VAL A 914 -27.87 17.16 -9.52
C VAL A 914 -28.74 16.06 -10.12
N ASN A 915 -28.58 15.82 -11.42
CA ASN A 915 -29.34 14.76 -12.07
C ASN A 915 -29.01 13.40 -11.47
N LEU A 916 -27.73 13.15 -11.17
CA LEU A 916 -27.35 11.88 -10.57
C LEU A 916 -27.93 11.73 -9.17
N TRP A 917 -27.91 12.80 -8.39
CA TRP A 917 -28.51 12.73 -7.06
C TRP A 917 -30.00 12.42 -7.15
N HIS A 918 -30.69 13.09 -8.07
CA HIS A 918 -32.13 12.85 -8.19
C HIS A 918 -32.41 11.45 -8.72
N LEU A 919 -31.56 10.96 -9.63
CA LEU A 919 -31.72 9.59 -10.11
C LEU A 919 -31.52 8.58 -8.99
N ALA A 920 -30.53 8.84 -8.12
CA ALA A 920 -30.29 7.95 -6.99
C ALA A 920 -31.48 7.97 -6.03
N GLN A 921 -32.04 9.15 -5.78
CA GLN A 921 -33.17 9.23 -4.87
C GLN A 921 -34.48 8.77 -5.51
N ARG A 922 -34.52 8.64 -6.84
CA ARG A 922 -35.74 8.23 -7.54
C ARG A 922 -36.03 6.74 -7.34
N HIS A 923 -35.06 5.94 -6.93
CA HIS A 923 -35.29 4.52 -6.73
C HIS A 923 -34.61 4.05 -5.43
N GLY A 924 -34.78 4.83 -4.37
CA GLY A 924 -34.34 4.43 -3.04
C GLY A 924 -32.91 3.97 -2.90
N GLY B 3 -13.43 6.59 32.48
CA GLY B 3 -13.17 5.35 31.78
C GLY B 3 -12.23 5.52 30.60
N HIS B 4 -11.07 4.90 30.69
CA HIS B 4 -10.04 5.00 29.67
C HIS B 4 -10.05 3.74 28.81
N ARG B 5 -10.07 3.91 27.49
CA ARG B 5 -9.93 2.82 26.55
C ARG B 5 -8.70 3.07 25.69
N LEU B 6 -7.78 2.11 25.66
CA LEU B 6 -6.51 2.27 24.96
C LEU B 6 -6.53 1.49 23.65
N VAL B 7 -6.26 2.18 22.56
CA VAL B 7 -6.23 1.60 21.22
C VAL B 7 -4.85 1.86 20.63
N LEU B 8 -4.20 0.80 20.16
CA LEU B 8 -2.88 0.90 19.53
C LEU B 8 -3.08 0.94 18.01
N VAL B 9 -2.88 2.12 17.43
CA VAL B 9 -2.96 2.29 15.98
C VAL B 9 -1.57 2.04 15.41
N LEU B 10 -1.48 1.00 14.59
CA LEU B 10 -0.20 0.49 14.10
C LEU B 10 -0.36 0.14 12.62
N GLY B 11 0.76 -0.05 11.94
CA GLY B 11 0.68 -0.52 10.58
C GLY B 11 2.03 -0.48 9.89
N ASP B 12 2.06 -1.14 8.73
CA ASP B 12 3.21 -1.12 7.83
C ASP B 12 4.46 -1.65 8.51
N LEU B 13 4.31 -2.73 9.27
CA LEU B 13 5.48 -3.37 9.87
C LEU B 13 6.40 -3.93 8.79
N HIS B 14 5.82 -4.58 7.78
CA HIS B 14 6.57 -5.15 6.65
C HIS B 14 7.65 -6.11 7.12
N ILE B 15 7.33 -6.94 8.10
CA ILE B 15 8.24 -7.97 8.59
C ILE B 15 7.96 -9.26 7.83
N PRO B 16 8.95 -9.85 7.16
CA PRO B 16 10.32 -9.39 7.01
C PRO B 16 10.63 -8.91 5.61
N HIS B 17 9.64 -8.39 4.89
CA HIS B 17 9.88 -7.94 3.52
C HIS B 17 10.81 -6.75 3.48
N ARG B 18 10.59 -5.78 4.37
CA ARG B 18 11.39 -4.57 4.39
C ARG B 18 12.11 -4.32 5.71
N CYS B 19 11.70 -4.96 6.80
CA CYS B 19 12.32 -4.76 8.09
C CYS B 19 12.34 -6.09 8.84
N ASN B 20 13.44 -6.32 9.56
CA ASN B 20 13.55 -7.55 10.34
C ASN B 20 12.61 -7.54 11.54
N SER B 21 12.51 -6.41 12.22
CA SER B 21 11.66 -6.32 13.41
C SER B 21 11.36 -4.86 13.70
N LEU B 22 10.60 -4.65 14.76
CA LEU B 22 10.27 -3.32 15.25
C LEU B 22 11.54 -2.68 15.81
N PRO B 23 11.59 -1.37 15.99
CA PRO B 23 12.74 -0.76 16.64
C PRO B 23 12.91 -1.30 18.05
N ALA B 24 14.14 -1.23 18.54
CA ALA B 24 14.46 -1.83 19.84
C ALA B 24 13.65 -1.21 20.97
N LYS B 25 13.54 0.12 20.97
CA LYS B 25 12.89 0.80 22.08
C LYS B 25 11.37 0.62 22.06
N PHE B 26 10.78 0.50 20.87
CA PHE B 26 9.33 0.33 20.78
C PHE B 26 8.88 -0.95 21.45
N LYS B 27 9.64 -2.04 21.28
CA LYS B 27 9.29 -3.30 21.92
C LYS B 27 9.32 -3.16 23.44
N LYS B 28 10.32 -2.45 23.97
CA LYS B 28 10.36 -2.19 25.41
C LYS B 28 9.15 -1.37 25.86
N LEU B 29 8.76 -0.37 25.07
CA LEU B 29 7.62 0.46 25.46
C LEU B 29 6.31 -0.32 25.41
N LEU B 30 6.13 -1.18 24.41
CA LEU B 30 4.88 -1.89 24.22
C LEU B 30 4.89 -3.14 25.09
N VAL B 31 4.41 -3.00 26.32
CA VAL B 31 4.38 -4.12 27.26
C VAL B 31 2.98 -4.72 27.28
N PRO B 32 2.85 -6.02 27.49
CA PRO B 32 1.50 -6.63 27.51
C PRO B 32 0.68 -6.15 28.70
N GLY B 33 -0.63 -6.10 28.50
CA GLY B 33 -1.59 -5.83 29.56
C GLY B 33 -2.12 -4.42 29.58
N LYS B 34 -1.36 -3.46 29.06
CA LYS B 34 -1.75 -2.06 29.11
C LYS B 34 -2.58 -1.63 27.90
N ILE B 35 -2.82 -2.51 26.94
CA ILE B 35 -3.51 -2.18 25.70
C ILE B 35 -4.78 -3.01 25.60
N GLN B 36 -5.89 -2.36 25.23
CA GLN B 36 -7.19 -3.01 25.11
C GLN B 36 -7.53 -3.40 23.67
N HIS B 37 -7.37 -2.46 22.73
CA HIS B 37 -7.61 -2.74 21.33
C HIS B 37 -6.36 -2.46 20.51
N ILE B 38 -6.22 -3.19 19.41
CA ILE B 38 -5.10 -2.98 18.49
C ILE B 38 -5.67 -2.90 17.08
N LEU B 39 -5.65 -1.71 16.50
CA LEU B 39 -6.07 -1.52 15.12
C LEU B 39 -4.83 -1.41 14.25
N CYS B 40 -4.70 -2.33 13.31
CA CYS B 40 -3.54 -2.38 12.42
C CYS B 40 -3.98 -2.03 11.01
N THR B 41 -3.28 -1.09 10.38
CA THR B 41 -3.58 -0.71 9.01
C THR B 41 -3.13 -1.75 8.00
N GLY B 42 -2.43 -2.78 8.42
CA GLY B 42 -2.07 -3.89 7.56
C GLY B 42 -0.58 -3.95 7.32
N ASN B 43 -0.21 -4.78 6.33
CA ASN B 43 1.16 -4.96 5.91
C ASN B 43 2.04 -5.49 7.03
N LEU B 44 1.46 -6.28 7.93
CA LEU B 44 2.28 -7.07 8.84
C LEU B 44 3.09 -8.09 8.05
N CYS B 45 2.48 -8.68 7.03
CA CYS B 45 3.04 -9.55 6.01
C CYS B 45 3.35 -10.95 6.53
N THR B 46 3.25 -11.21 7.82
CA THR B 46 3.49 -12.54 8.36
C THR B 46 2.59 -12.77 9.56
N LYS B 47 2.39 -14.05 9.86
CA LYS B 47 1.65 -14.42 11.07
C LYS B 47 2.41 -14.08 12.33
N GLU B 48 3.74 -13.90 12.23
CA GLU B 48 4.53 -13.61 13.42
C GLU B 48 4.16 -12.26 14.02
N SER B 49 3.96 -11.23 13.18
CA SER B 49 3.58 -9.93 13.70
C SER B 49 2.16 -9.97 14.27
N TYR B 50 1.27 -10.74 13.66
CA TYR B 50 -0.07 -10.89 14.21
C TYR B 50 -0.03 -11.56 15.57
N ASP B 51 0.80 -12.60 15.72
CA ASP B 51 0.94 -13.25 17.02
C ASP B 51 1.56 -12.32 18.04
N TYR B 52 2.51 -11.48 17.60
CA TYR B 52 3.08 -10.48 18.48
C TYR B 52 2.02 -9.51 18.97
N LEU B 53 1.11 -9.10 18.08
CA LEU B 53 0.03 -8.21 18.49
C LEU B 53 -0.94 -8.91 19.43
N LYS B 54 -1.18 -10.20 19.21
CA LYS B 54 -2.09 -10.94 20.09
C LYS B 54 -1.58 -11.00 21.52
N THR B 55 -0.27 -10.87 21.71
CA THR B 55 0.31 -10.84 23.05
C THR B 55 0.27 -9.45 23.68
N LEU B 56 -0.24 -8.45 22.96
CA LEU B 56 -0.27 -7.09 23.48
C LEU B 56 -1.65 -6.62 23.87
N ALA B 57 -2.71 -7.29 23.43
CA ALA B 57 -4.08 -6.91 23.75
C ALA B 57 -4.98 -8.11 23.47
N GLY B 58 -6.26 -7.95 23.77
CA GLY B 58 -7.22 -9.01 23.49
C GLY B 58 -7.92 -8.83 22.16
N ASP B 59 -8.39 -7.61 21.88
CA ASP B 59 -9.08 -7.31 20.64
C ASP B 59 -8.06 -6.81 19.62
N VAL B 60 -7.95 -7.53 18.50
CA VAL B 60 -6.94 -7.27 17.48
C VAL B 60 -7.66 -7.22 16.14
N HIS B 61 -7.87 -6.01 15.62
CA HIS B 61 -8.46 -5.82 14.30
C HIS B 61 -7.35 -5.49 13.31
N ILE B 62 -7.30 -6.25 12.22
CA ILE B 62 -6.31 -6.05 11.16
C ILE B 62 -7.02 -6.04 9.83
N VAL B 63 -6.62 -5.10 8.97
CA VAL B 63 -7.13 -5.04 7.61
C VAL B 63 -6.06 -5.54 6.66
N ARG B 64 -6.45 -5.76 5.41
CA ARG B 64 -5.55 -6.32 4.42
C ARG B 64 -4.66 -5.25 3.83
N GLY B 65 -3.36 -5.52 3.79
CA GLY B 65 -2.42 -4.65 3.11
C GLY B 65 -2.28 -5.00 1.65
N ASP B 66 -1.36 -4.32 0.98
CA ASP B 66 -1.04 -4.66 -0.40
C ASP B 66 -0.06 -5.80 -0.49
N PHE B 67 0.46 -6.28 0.64
CA PHE B 67 1.42 -7.38 0.63
C PHE B 67 1.16 -8.42 1.72
N ASP B 68 0.06 -8.32 2.47
CA ASP B 68 -0.19 -9.25 3.55
C ASP B 68 -0.31 -10.67 3.02
N GLU B 69 0.22 -11.63 3.79
CA GLU B 69 0.14 -13.03 3.37
C GLU B 69 -1.26 -13.57 3.53
N ASN B 70 -1.96 -13.22 4.61
CA ASN B 70 -3.29 -13.74 4.86
C ASN B 70 -4.29 -12.90 4.08
N LEU B 71 -4.81 -13.44 2.99
CA LEU B 71 -5.74 -12.73 2.13
C LEU B 71 -7.18 -12.76 2.66
N ASN B 72 -7.40 -13.32 3.85
CA ASN B 72 -8.72 -13.34 4.45
C ASN B 72 -8.99 -12.14 5.35
N TYR B 73 -7.99 -11.31 5.63
CA TYR B 73 -8.22 -10.11 6.43
C TYR B 73 -9.12 -9.16 5.64
N PRO B 74 -10.09 -8.52 6.29
CA PRO B 74 -11.01 -7.65 5.57
C PRO B 74 -10.31 -6.48 4.93
N GLU B 75 -10.84 -6.06 3.78
CA GLU B 75 -10.30 -4.88 3.09
C GLU B 75 -10.53 -3.63 3.92
N GLN B 76 -11.68 -3.52 4.57
CA GLN B 76 -11.98 -2.37 5.42
C GLN B 76 -12.86 -2.84 6.57
N LYS B 77 -12.84 -2.07 7.65
CA LYS B 77 -13.53 -2.49 8.87
C LYS B 77 -14.01 -1.26 9.63
N VAL B 78 -15.03 -1.46 10.45
CA VAL B 78 -15.56 -0.43 11.34
C VAL B 78 -15.69 -1.05 12.72
N VAL B 79 -14.99 -0.48 13.70
CA VAL B 79 -14.99 -0.99 15.06
C VAL B 79 -15.43 0.12 16.01
N THR B 80 -16.38 -0.19 16.88
CA THR B 80 -16.90 0.79 17.82
C THR B 80 -16.22 0.57 19.17
N VAL B 81 -15.45 1.56 19.59
CA VAL B 81 -14.84 1.56 20.92
C VAL B 81 -15.27 2.83 21.63
N GLY B 82 -15.76 2.66 22.86
CA GLY B 82 -16.32 3.79 23.57
C GLY B 82 -17.46 4.36 22.76
N GLN B 83 -17.49 5.68 22.65
CA GLN B 83 -18.50 6.37 21.87
C GLN B 83 -18.10 6.55 20.42
N PHE B 84 -16.93 6.04 20.02
CA PHE B 84 -16.34 6.37 18.74
C PHE B 84 -16.35 5.17 17.82
N LYS B 85 -16.88 5.36 16.61
CA LYS B 85 -16.76 4.39 15.54
C LYS B 85 -15.51 4.73 14.75
N ILE B 86 -14.66 3.72 14.52
CA ILE B 86 -13.36 3.90 13.90
C ILE B 86 -13.32 3.08 12.63
N GLY B 87 -12.92 3.71 11.52
CA GLY B 87 -12.78 3.04 10.25
C GLY B 87 -11.33 2.70 9.98
N LEU B 88 -11.10 1.44 9.62
CA LEU B 88 -9.76 0.93 9.39
C LEU B 88 -9.67 0.46 7.94
N ILE B 89 -8.68 0.99 7.21
CA ILE B 89 -8.40 0.56 5.85
C ILE B 89 -6.92 0.82 5.60
N HIS B 90 -6.30 0.00 4.74
CA HIS B 90 -4.86 0.14 4.53
C HIS B 90 -4.52 1.47 3.89
N GLY B 91 -5.25 1.85 2.85
CA GLY B 91 -5.04 3.12 2.19
C GLY B 91 -4.50 3.02 0.77
N HIS B 92 -4.06 1.83 0.34
CA HIS B 92 -3.59 1.69 -1.04
C HIS B 92 -4.75 1.66 -2.03
N GLN B 93 -5.98 1.43 -1.57
CA GLN B 93 -7.15 1.58 -2.43
C GLN B 93 -7.34 3.03 -2.82
N VAL B 94 -6.90 3.95 -1.98
CA VAL B 94 -7.23 5.36 -2.12
C VAL B 94 -6.46 5.96 -3.28
N ILE B 95 -7.16 6.68 -4.14
CA ILE B 95 -6.57 7.30 -5.33
C ILE B 95 -6.79 8.81 -5.28
N PRO B 96 -5.76 9.62 -5.11
CA PRO B 96 -4.37 9.25 -4.85
C PRO B 96 -4.19 8.93 -3.39
N TRP B 97 -3.05 8.34 -3.01
CA TRP B 97 -2.83 7.96 -1.63
C TRP B 97 -2.89 9.16 -0.71
N GLY B 98 -3.66 9.04 0.37
CA GLY B 98 -3.69 10.08 1.38
C GLY B 98 -4.35 11.37 0.97
N ASP B 99 -5.25 11.33 0.00
CA ASP B 99 -6.00 12.52 -0.38
C ASP B 99 -7.13 12.75 0.63
N MET B 100 -7.36 14.03 0.94
CA MET B 100 -8.37 14.37 1.95
C MET B 100 -9.77 14.02 1.47
N ALA B 101 -10.12 14.42 0.26
CA ALA B 101 -11.45 14.13 -0.25
C ALA B 101 -11.67 12.65 -0.46
N SER B 102 -10.64 11.96 -0.96
CA SER B 102 -10.75 10.53 -1.20
C SER B 102 -10.93 9.75 0.08
N LEU B 103 -10.53 10.31 1.23
CA LEU B 103 -10.77 9.69 2.52
C LEU B 103 -12.08 10.16 3.15
N ALA B 104 -12.49 11.40 2.88
CA ALA B 104 -13.81 11.84 3.31
C ALA B 104 -14.90 11.01 2.66
N LEU B 105 -14.64 10.53 1.45
CA LEU B 105 -15.60 9.61 0.82
C LEU B 105 -15.77 8.35 1.65
N LEU B 106 -14.66 7.79 2.14
CA LEU B 106 -14.75 6.58 2.96
C LEU B 106 -15.42 6.88 4.30
N GLN B 107 -15.14 8.04 4.87
CA GLN B 107 -15.78 8.38 6.14
C GLN B 107 -17.27 8.60 5.98
N ARG B 108 -17.71 9.05 4.81
CA ARG B 108 -19.14 9.13 4.53
C ARG B 108 -19.73 7.73 4.36
N GLN B 109 -19.05 6.88 3.60
CA GLN B 109 -19.60 5.55 3.33
C GLN B 109 -19.75 4.75 4.63
N PHE B 110 -18.71 4.74 5.45
CA PHE B 110 -18.75 3.91 6.65
C PHE B 110 -19.66 4.48 7.71
N ASP B 111 -20.04 5.76 7.61
CA ASP B 111 -20.71 6.48 8.69
C ASP B 111 -19.89 6.36 9.97
N VAL B 112 -18.67 6.88 9.90
CA VAL B 112 -17.64 6.59 10.89
C VAL B 112 -17.05 7.90 11.40
N ASP B 113 -16.57 7.87 12.64
CA ASP B 113 -16.06 9.06 13.29
C ASP B 113 -14.57 9.26 13.14
N ILE B 114 -13.78 8.18 13.18
CA ILE B 114 -12.34 8.24 12.97
C ILE B 114 -11.99 7.33 11.80
N LEU B 115 -11.21 7.82 10.87
CA LEU B 115 -10.71 7.02 9.76
C LEU B 115 -9.22 6.81 9.92
N ILE B 116 -8.79 5.56 9.91
CA ILE B 116 -7.39 5.20 10.03
C ILE B 116 -6.95 4.56 8.72
N SER B 117 -5.95 5.14 8.08
CA SER B 117 -5.45 4.66 6.81
C SER B 117 -3.99 5.07 6.71
N GLY B 118 -3.13 4.13 6.32
CA GLY B 118 -1.71 4.40 6.45
C GLY B 118 -0.76 3.93 5.37
N HIS B 119 -1.17 3.87 4.12
CA HIS B 119 -0.24 3.41 3.08
C HIS B 119 0.95 4.35 2.95
N THR B 120 0.70 5.66 2.92
CA THR B 120 1.79 6.62 2.96
C THR B 120 2.44 6.57 4.33
N HIS B 121 3.72 6.22 4.38
CA HIS B 121 4.34 5.91 5.66
C HIS B 121 4.58 7.13 6.53
N LYS B 122 4.32 8.32 6.03
CA LYS B 122 4.45 9.51 6.84
C LYS B 122 3.27 9.63 7.79
N PHE B 123 3.54 9.93 9.05
CA PHE B 123 2.48 10.18 10.02
C PHE B 123 1.66 11.41 9.64
N GLU B 124 0.35 11.32 9.88
CA GLU B 124 -0.51 12.48 9.73
C GLU B 124 -1.65 12.39 10.72
N ALA B 125 -2.21 13.55 11.08
CA ALA B 125 -3.38 13.60 11.94
C ALA B 125 -4.10 14.90 11.66
N PHE B 126 -5.25 14.85 10.99
CA PHE B 126 -5.96 16.07 10.66
C PHE B 126 -7.46 15.93 10.87
N GLU B 127 -8.08 17.05 11.20
CA GLU B 127 -9.53 17.14 11.39
C GLU B 127 -10.13 17.89 10.22
N HIS B 128 -11.01 17.21 9.48
CA HIS B 128 -11.63 17.76 8.28
C HIS B 128 -13.12 17.50 8.33
N GLU B 129 -13.92 18.56 8.25
CA GLU B 129 -15.37 18.47 8.39
C GLU B 129 -15.76 17.81 9.70
N ASN B 130 -15.07 18.19 10.76
CA ASN B 130 -15.32 17.66 12.11
C ASN B 130 -15.20 16.14 12.15
N LYS B 131 -14.22 15.62 11.43
CA LYS B 131 -13.90 14.20 11.45
C LYS B 131 -12.40 14.05 11.61
N PHE B 132 -11.99 12.97 12.28
CA PHE B 132 -10.60 12.74 12.65
C PHE B 132 -9.97 11.71 11.72
N TYR B 133 -8.80 12.04 11.17
CA TYR B 133 -8.05 11.13 10.33
C TYR B 133 -6.65 10.96 10.90
N ILE B 134 -6.25 9.71 11.15
CA ILE B 134 -4.93 9.36 11.65
C ILE B 134 -4.27 8.44 10.64
N ASN B 135 -3.06 8.81 10.22
CA ASN B 135 -2.18 7.92 9.48
C ASN B 135 -1.00 7.62 10.39
N PRO B 136 -0.95 6.43 11.00
CA PRO B 136 0.06 6.18 12.03
C PRO B 136 1.46 6.02 11.50
N GLY B 137 1.65 5.83 10.20
CA GLY B 137 2.97 5.60 9.68
C GLY B 137 3.39 4.16 9.86
N SER B 138 4.68 3.91 9.70
CA SER B 138 5.25 2.58 9.80
C SER B 138 5.97 2.44 11.13
N ALA B 139 5.57 1.43 11.91
CA ALA B 139 6.23 1.19 13.19
C ALA B 139 7.69 0.82 12.99
N THR B 140 7.97 0.02 11.98
CA THR B 140 9.33 -0.45 11.74
C THR B 140 10.13 0.51 10.86
N GLY B 141 9.53 1.57 10.37
CA GLY B 141 10.25 2.46 9.49
C GLY B 141 10.47 1.93 8.09
N ALA B 142 9.59 1.07 7.60
CA ALA B 142 9.76 0.45 6.30
C ALA B 142 9.78 1.50 5.20
N TYR B 143 10.60 1.27 4.19
CA TYR B 143 10.78 2.23 3.12
C TYR B 143 9.57 2.30 2.20
N ASN B 144 9.41 3.45 1.55
CA ASN B 144 8.49 3.63 0.45
C ASN B 144 9.13 4.56 -0.55
N ALA B 145 8.71 4.44 -1.81
CA ALA B 145 9.28 5.31 -2.84
C ALA B 145 8.92 6.78 -2.60
N LEU B 146 7.92 7.05 -1.78
CA LEU B 146 7.40 8.40 -1.61
C LEU B 146 8.21 9.25 -0.64
N GLU B 147 9.07 8.65 0.17
CA GLU B 147 9.75 9.38 1.24
C GLU B 147 11.22 9.03 1.27
N THR B 148 12.01 9.95 1.82
CA THR B 148 13.45 9.80 1.94
C THR B 148 13.87 9.38 3.35
N ASN B 149 13.38 10.07 4.37
CA ASN B 149 13.74 9.79 5.76
C ASN B 149 12.48 9.36 6.50
N ILE B 150 12.25 8.05 6.55
CA ILE B 150 11.08 7.51 7.22
C ILE B 150 11.37 7.39 8.71
N ILE B 151 10.51 7.96 9.53
CA ILE B 151 10.66 7.97 10.98
C ILE B 151 9.72 6.92 11.56
N PRO B 152 10.22 5.90 12.27
CA PRO B 152 9.33 4.91 12.86
C PRO B 152 8.34 5.57 13.81
N SER B 153 7.08 5.14 13.72
CA SER B 153 6.04 5.81 14.49
C SER B 153 4.85 4.88 14.70
N PHE B 154 4.11 5.17 15.77
CA PHE B 154 2.86 4.49 16.03
C PHE B 154 1.99 5.37 16.91
N VAL B 155 0.68 5.18 16.81
CA VAL B 155 -0.28 6.03 17.52
C VAL B 155 -0.91 5.21 18.64
N LEU B 156 -1.26 5.89 19.73
CA LEU B 156 -1.95 5.26 20.85
C LEU B 156 -3.05 6.21 21.29
N MET B 157 -4.30 5.81 21.06
CA MET B 157 -5.45 6.64 21.36
C MET B 157 -6.04 6.24 22.70
N ASP B 158 -6.18 7.20 23.60
CA ASP B 158 -6.92 7.01 24.83
C ASP B 158 -8.27 7.69 24.66
N ILE B 159 -9.33 6.89 24.73
CA ILE B 159 -10.70 7.33 24.45
C ILE B 159 -11.47 7.30 25.76
N GLN B 160 -12.16 8.40 26.06
CA GLN B 160 -12.95 8.50 27.28
C GLN B 160 -14.18 9.34 26.95
N ALA B 161 -15.34 8.71 26.98
CA ALA B 161 -16.60 9.37 26.65
C ALA B 161 -16.51 10.00 25.27
N SER B 162 -16.20 11.30 25.21
CA SER B 162 -16.15 12.02 23.96
C SER B 162 -14.77 12.53 23.59
N THR B 163 -13.78 12.39 24.46
CA THR B 163 -12.46 12.95 24.23
C THR B 163 -11.48 11.84 23.87
N VAL B 164 -10.75 12.04 22.79
CA VAL B 164 -9.64 11.17 22.40
C VAL B 164 -8.36 11.97 22.51
N VAL B 165 -7.44 11.48 23.34
CA VAL B 165 -6.10 12.02 23.39
C VAL B 165 -5.18 11.02 22.68
N THR B 166 -4.54 11.49 21.62
CA THR B 166 -3.70 10.67 20.77
C THR B 166 -2.24 10.92 21.12
N TYR B 167 -1.56 9.87 21.59
CA TYR B 167 -0.13 9.95 21.87
C TYR B 167 0.60 9.32 20.70
N VAL B 168 1.42 10.13 20.03
CA VAL B 168 2.11 9.72 18.83
C VAL B 168 3.56 9.50 19.20
N TYR B 169 4.06 8.29 18.97
CA TYR B 169 5.41 7.90 19.31
C TYR B 169 6.23 7.81 18.03
N GLN B 170 7.25 8.65 17.92
CA GLN B 170 8.16 8.61 16.80
C GLN B 170 9.59 8.46 17.31
N LEU B 171 10.33 7.56 16.69
CA LEU B 171 11.74 7.34 17.05
C LEU B 171 12.60 8.19 16.11
N ILE B 172 13.17 9.27 16.65
CA ILE B 172 14.11 10.09 15.91
C ILE B 172 15.50 9.87 16.50
N GLY B 173 16.49 9.69 15.63
CA GLY B 173 17.81 9.31 16.10
C GLY B 173 17.75 8.01 16.87
N ASP B 174 17.93 8.09 18.20
CA ASP B 174 17.78 6.94 19.07
C ASP B 174 16.84 7.24 20.23
N ASP B 175 16.03 8.29 20.12
CA ASP B 175 15.15 8.73 21.18
C ASP B 175 13.70 8.71 20.71
N VAL B 176 12.80 8.36 21.62
CA VAL B 176 11.39 8.17 21.31
C VAL B 176 10.65 9.42 21.78
N LYS B 177 10.36 10.32 20.85
CA LYS B 177 9.51 11.46 21.15
C LYS B 177 8.05 11.06 21.14
N VAL B 178 7.26 11.73 21.96
CA VAL B 178 5.83 11.50 22.07
C VAL B 178 5.12 12.84 21.98
N GLU B 179 4.01 12.87 21.26
CA GLU B 179 3.22 14.08 21.09
C GLU B 179 1.77 13.82 21.45
N ARG B 180 1.09 14.88 21.89
CA ARG B 180 -0.30 14.80 22.34
C ARG B 180 -1.21 15.55 21.39
N ILE B 181 -2.27 14.89 20.94
CA ILE B 181 -3.27 15.47 20.06
C ILE B 181 -4.63 15.36 20.73
N GLU B 182 -5.35 16.46 20.81
CA GLU B 182 -6.65 16.50 21.48
C GLU B 182 -7.76 16.52 20.43
N TYR B 183 -8.67 15.56 20.51
CA TYR B 183 -9.83 15.52 19.63
C TYR B 183 -11.09 15.36 20.48
N LYS B 184 -12.13 16.11 20.14
CA LYS B 184 -13.39 16.03 20.86
C LYS B 184 -14.54 15.97 19.86
N LYS B 185 -15.39 14.97 20.02
CA LYS B 185 -16.52 14.79 19.12
C LYS B 185 -17.61 15.80 19.47
N PRO B 186 -18.06 16.62 18.50
CA PRO B 186 -19.12 17.61 18.72
C PRO B 186 -20.46 16.97 19.06
#